data_1L5P
#
_entry.id   1L5P
#
_cell.length_a   35.400
_cell.length_b   64.550
_cell.length_c   133.880
_cell.angle_alpha   90.00
_cell.angle_beta   90.00
_cell.angle_gamma   90.00
#
_symmetry.space_group_name_H-M   'P 21 21 21'
#
loop_
_entity.id
_entity.type
_entity.pdbx_description
1 polymer ferredoxin
2 non-polymer 'FE2/S2 (INORGANIC) CLUSTER'
3 water water
#
_entity_poly.entity_id   1
_entity_poly.type   'polypeptide(L)'
_entity_poly.pdbx_seq_one_letter_code
;GTITAVKGGVKKQLKFEDDQTLFTVLTEAGLMSADDTCQGNKACGKCICKHVSGKVAAAEDDEKEFLEDQPANARLACAI
TLSGENDGAVFEL
;
_entity_poly.pdbx_strand_id   A,B,C
#
# COMPACT_ATOMS: atom_id res chain seq x y z
N GLY A 1 -1.33 -10.49 -14.32
CA GLY A 1 -0.32 -11.45 -14.88
C GLY A 1 -0.95 -12.81 -15.12
N THR A 2 -0.11 -13.84 -15.25
CA THR A 2 -0.64 -15.18 -15.44
C THR A 2 0.24 -16.24 -14.78
N ILE A 3 -0.41 -17.33 -14.40
CA ILE A 3 0.27 -18.44 -13.76
C ILE A 3 -0.15 -19.70 -14.50
N THR A 4 0.65 -20.74 -14.33
CA THR A 4 0.40 -22.02 -14.98
C THR A 4 -0.08 -23.04 -13.95
N ALA A 5 -1.25 -23.62 -14.19
CA ALA A 5 -1.80 -24.64 -13.30
C ALA A 5 -1.60 -25.95 -14.04
N VAL A 6 -1.19 -27.00 -13.32
CA VAL A 6 -0.95 -28.29 -13.94
C VAL A 6 -1.78 -29.38 -13.29
N LYS A 7 -2.82 -29.84 -13.98
CA LYS A 7 -3.71 -30.88 -13.46
C LYS A 7 -3.64 -32.07 -14.39
N GLY A 8 -3.45 -33.26 -13.82
CA GLY A 8 -3.39 -34.46 -14.64
C GLY A 8 -2.45 -34.34 -15.82
N GLY A 9 -1.21 -33.95 -15.56
CA GLY A 9 -0.23 -33.82 -16.62
C GLY A 9 -0.54 -32.79 -17.69
N VAL A 10 -1.68 -32.10 -17.58
CA VAL A 10 -1.97 -31.09 -18.58
C VAL A 10 -1.79 -29.69 -18.02
N LYS A 11 -1.02 -28.90 -18.75
CA LYS A 11 -0.72 -27.52 -18.39
C LYS A 11 -1.86 -26.62 -18.84
N LYS A 12 -2.23 -25.65 -18.00
CA LYS A 12 -3.29 -24.70 -18.33
C LYS A 12 -2.90 -23.33 -17.82
N GLN A 13 -2.71 -22.39 -18.73
CA GLN A 13 -2.34 -21.03 -18.34
C GLN A 13 -3.58 -20.24 -17.93
N LEU A 14 -3.49 -19.60 -16.78
CA LEU A 14 -4.60 -18.80 -16.26
C LEU A 14 -4.12 -17.38 -16.00
N LYS A 15 -4.99 -16.41 -16.25
CA LYS A 15 -4.66 -15.01 -16.02
C LYS A 15 -5.18 -14.64 -14.64
N PHE A 16 -4.47 -13.77 -13.96
CA PHE A 16 -4.90 -13.36 -12.64
C PHE A 16 -4.85 -11.85 -12.53
N GLU A 17 -5.66 -11.32 -11.63
CA GLU A 17 -5.72 -9.90 -11.38
C GLU A 17 -5.08 -9.63 -10.03
N ASP A 18 -4.24 -8.60 -9.95
CA ASP A 18 -3.57 -8.23 -8.72
C ASP A 18 -4.49 -8.39 -7.51
N ASP A 19 -3.94 -8.94 -6.43
CA ASP A 19 -4.67 -9.14 -5.17
C ASP A 19 -5.68 -10.26 -5.16
N GLN A 20 -5.64 -11.10 -6.19
CA GLN A 20 -6.54 -12.23 -6.29
C GLN A 20 -5.77 -13.40 -5.67
N THR A 21 -6.46 -14.31 -4.99
CA THR A 21 -5.76 -15.45 -4.42
C THR A 21 -5.75 -16.56 -5.45
N LEU A 22 -4.76 -17.43 -5.34
CA LEU A 22 -4.63 -18.55 -6.24
C LEU A 22 -5.90 -19.38 -6.17
N PHE A 23 -6.48 -19.43 -4.97
CA PHE A 23 -7.71 -20.18 -4.71
C PHE A 23 -8.83 -19.65 -5.58
N THR A 24 -8.99 -18.33 -5.57
CA THR A 24 -10.03 -17.69 -6.36
C THR A 24 -9.81 -18.03 -7.82
N VAL A 25 -8.59 -17.80 -8.29
CA VAL A 25 -8.21 -18.07 -9.66
C VAL A 25 -8.44 -19.53 -10.04
N LEU A 26 -7.95 -20.44 -9.20
CA LEU A 26 -8.09 -21.86 -9.44
C LEU A 26 -9.52 -22.36 -9.40
N THR A 27 -10.25 -22.00 -8.35
CA THR A 27 -11.63 -22.45 -8.21
C THR A 27 -12.56 -21.86 -9.25
N GLU A 28 -12.36 -20.59 -9.61
CA GLU A 28 -13.21 -19.95 -10.60
C GLU A 28 -12.94 -20.45 -12.02
N ALA A 29 -11.95 -21.32 -12.16
CA ALA A 29 -11.59 -21.89 -13.46
C ALA A 29 -11.90 -23.39 -13.51
N GLY A 30 -12.50 -23.91 -12.45
CA GLY A 30 -12.87 -25.31 -12.41
C GLY A 30 -11.73 -26.27 -12.14
N LEU A 31 -10.54 -25.74 -11.89
CA LEU A 31 -9.37 -26.57 -11.62
C LEU A 31 -9.35 -27.04 -10.16
N MET A 32 -10.00 -26.27 -9.29
CA MET A 32 -10.07 -26.59 -7.87
C MET A 32 -11.48 -26.29 -7.35
N SER A 33 -12.04 -27.23 -6.59
CA SER A 33 -13.39 -27.08 -6.04
C SER A 33 -13.38 -26.32 -4.71
N ALA A 34 -14.39 -25.48 -4.51
CA ALA A 34 -14.51 -24.70 -3.29
C ALA A 34 -15.54 -25.33 -2.35
N ASP A 35 -16.00 -26.51 -2.72
CA ASP A 35 -17.01 -27.23 -1.97
C ASP A 35 -16.45 -27.80 -0.67
N ASP A 36 -17.19 -27.65 0.42
CA ASP A 36 -16.74 -28.17 1.71
C ASP A 36 -15.44 -27.53 2.19
N THR A 37 -15.11 -26.37 1.63
CA THR A 37 -13.91 -25.65 2.01
C THR A 37 -14.33 -24.40 2.74
N CYS A 38 -13.41 -23.79 3.47
CA CYS A 38 -13.71 -22.57 4.19
C CYS A 38 -13.81 -21.38 3.23
N GLN A 39 -13.85 -21.68 1.94
CA GLN A 39 -13.93 -20.64 0.91
C GLN A 39 -12.77 -19.65 0.93
N GLY A 40 -11.56 -20.17 1.04
CA GLY A 40 -10.38 -19.32 1.06
C GLY A 40 -10.17 -18.53 2.33
N ASN A 41 -10.48 -19.14 3.47
CA ASN A 41 -10.35 -18.50 4.77
C ASN A 41 -9.15 -19.03 5.57
N LYS A 42 -8.33 -19.86 4.93
CA LYS A 42 -7.15 -20.44 5.58
C LYS A 42 -7.51 -21.11 6.92
N ALA A 43 -8.61 -21.87 6.93
CA ALA A 43 -9.05 -22.55 8.14
C ALA A 43 -9.36 -24.02 7.92
N CYS A 44 -9.64 -24.42 6.68
CA CYS A 44 -9.96 -25.83 6.41
C CYS A 44 -8.74 -26.64 5.90
N GLY A 45 -7.84 -25.97 5.18
CA GLY A 45 -6.65 -26.64 4.66
C GLY A 45 -6.92 -27.62 3.53
N LYS A 46 -7.96 -27.36 2.74
CA LYS A 46 -8.30 -28.26 1.66
C LYS A 46 -7.82 -27.78 0.29
N CYS A 47 -7.52 -26.49 0.17
CA CYS A 47 -7.08 -25.92 -1.10
C CYS A 47 -5.61 -26.19 -1.40
N ILE A 48 -5.14 -27.37 -1.06
CA ILE A 48 -3.75 -27.75 -1.28
C ILE A 48 -3.33 -27.83 -2.74
N CYS A 49 -2.16 -27.27 -3.04
CA CYS A 49 -1.60 -27.31 -4.38
C CYS A 49 -0.09 -27.37 -4.20
N LYS A 50 0.65 -27.51 -5.28
CA LYS A 50 2.11 -27.57 -5.16
C LYS A 50 2.79 -26.50 -5.97
N HIS A 51 3.62 -25.70 -5.30
CA HIS A 51 4.37 -24.65 -5.97
C HIS A 51 5.61 -25.28 -6.57
N VAL A 52 5.67 -25.35 -7.91
CA VAL A 52 6.81 -25.97 -8.58
C VAL A 52 7.75 -25.00 -9.29
N SER A 53 7.32 -23.78 -9.58
CA SER A 53 8.19 -22.83 -10.24
C SER A 53 7.73 -21.42 -9.98
N GLY A 54 8.66 -20.48 -10.12
CA GLY A 54 8.33 -19.08 -9.92
C GLY A 54 8.45 -18.56 -8.51
N LYS A 55 8.38 -17.25 -8.38
CA LYS A 55 8.49 -16.60 -7.09
C LYS A 55 7.15 -16.53 -6.36
N VAL A 56 7.15 -17.04 -5.14
CA VAL A 56 5.97 -17.01 -4.30
C VAL A 56 6.44 -16.82 -2.87
N ALA A 57 5.89 -15.79 -2.22
CA ALA A 57 6.24 -15.45 -0.84
C ALA A 57 6.12 -16.66 0.08
N ALA A 58 7.11 -16.82 0.95
CA ALA A 58 7.14 -17.93 1.89
C ALA A 58 5.88 -17.98 2.72
N ALA A 59 5.49 -19.18 3.10
CA ALA A 59 4.28 -19.38 3.87
C ALA A 59 4.41 -18.86 5.30
N GLU A 60 3.34 -18.28 5.81
CA GLU A 60 3.32 -17.77 7.18
C GLU A 60 3.05 -18.93 8.12
N ASP A 61 3.26 -18.68 9.41
CA ASP A 61 3.08 -19.68 10.47
C ASP A 61 1.73 -20.36 10.43
N ASP A 62 0.67 -19.57 10.29
CA ASP A 62 -0.67 -20.12 10.25
C ASP A 62 -0.87 -21.12 9.11
N GLU A 63 -0.31 -20.80 7.93
CA GLU A 63 -0.45 -21.69 6.80
C GLU A 63 0.39 -22.94 7.00
N LYS A 64 1.61 -22.74 7.51
CA LYS A 64 2.55 -23.83 7.77
C LYS A 64 1.95 -24.91 8.66
N GLU A 65 0.99 -24.50 9.48
CA GLU A 65 0.33 -25.43 10.39
C GLU A 65 -0.39 -26.50 9.59
N PHE A 66 -0.95 -26.11 8.45
CA PHE A 66 -1.67 -27.03 7.60
C PHE A 66 -0.79 -27.81 6.63
N LEU A 67 0.49 -27.46 6.53
CA LEU A 67 1.38 -28.15 5.60
C LEU A 67 2.37 -29.12 6.23
N GLU A 68 2.29 -29.26 7.55
CA GLU A 68 3.19 -30.15 8.29
C GLU A 68 3.18 -31.58 7.78
N ASP A 69 1.98 -32.09 7.52
CA ASP A 69 1.82 -33.46 7.04
C ASP A 69 1.65 -33.52 5.53
N GLN A 70 2.03 -32.44 4.85
CA GLN A 70 1.93 -32.38 3.39
C GLN A 70 3.31 -32.39 2.74
N PRO A 71 3.38 -32.61 1.41
CA PRO A 71 4.68 -32.63 0.73
C PRO A 71 5.41 -31.29 0.88
N ALA A 72 6.74 -31.37 0.85
CA ALA A 72 7.61 -30.22 1.00
C ALA A 72 7.22 -28.96 0.24
N ASN A 73 6.64 -29.16 -0.94
CA ASN A 73 6.27 -28.02 -1.78
C ASN A 73 4.79 -27.68 -1.78
N ALA A 74 4.06 -28.20 -0.79
CA ALA A 74 2.64 -27.95 -0.67
C ALA A 74 2.39 -26.55 -0.15
N ARG A 75 1.31 -25.93 -0.62
CA ARG A 75 0.93 -24.60 -0.19
C ARG A 75 -0.61 -24.53 -0.21
N LEU A 76 -1.17 -23.58 0.52
CA LEU A 76 -2.61 -23.38 0.55
C LEU A 76 -2.89 -22.35 -0.53
N ALA A 77 -3.66 -22.70 -1.54
CA ALA A 77 -3.96 -21.78 -2.63
C ALA A 77 -4.55 -20.48 -2.12
N CYS A 78 -5.41 -20.52 -1.10
CA CYS A 78 -6.01 -19.28 -0.62
C CYS A 78 -5.07 -18.43 0.25
N ALA A 79 -3.91 -18.99 0.61
CA ALA A 79 -2.93 -18.26 1.40
C ALA A 79 -2.02 -17.45 0.49
N ILE A 80 -2.10 -17.70 -0.81
CA ILE A 80 -1.27 -17.02 -1.79
C ILE A 80 -2.04 -15.90 -2.51
N THR A 81 -1.65 -14.66 -2.24
CA THR A 81 -2.26 -13.50 -2.85
C THR A 81 -1.42 -13.15 -4.07
N LEU A 82 -1.99 -13.31 -5.26
CA LEU A 82 -1.27 -13.03 -6.50
C LEU A 82 -1.05 -11.57 -6.85
N SER A 83 0.17 -11.29 -7.32
CA SER A 83 0.58 -9.95 -7.72
C SER A 83 1.58 -10.09 -8.86
N GLY A 84 2.01 -8.96 -9.42
CA GLY A 84 2.95 -9.00 -10.52
C GLY A 84 4.15 -9.91 -10.30
N GLU A 85 4.66 -9.94 -9.07
CA GLU A 85 5.81 -10.77 -8.74
C GLU A 85 5.58 -12.26 -8.95
N ASN A 86 4.31 -12.67 -9.02
CA ASN A 86 4.00 -14.08 -9.20
C ASN A 86 3.77 -14.46 -10.66
N ASP A 87 3.87 -13.48 -11.56
CA ASP A 87 3.68 -13.75 -12.97
C ASP A 87 4.65 -14.80 -13.50
N GLY A 88 4.12 -15.92 -13.98
CA GLY A 88 4.97 -16.97 -14.50
C GLY A 88 5.11 -18.13 -13.53
N ALA A 89 4.56 -17.99 -12.34
CA ALA A 89 4.64 -19.06 -11.35
C ALA A 89 3.87 -20.27 -11.83
N VAL A 90 4.34 -21.46 -11.48
CA VAL A 90 3.69 -22.68 -11.89
C VAL A 90 3.25 -23.50 -10.68
N PHE A 91 2.00 -23.96 -10.68
CA PHE A 91 1.48 -24.76 -9.58
C PHE A 91 0.90 -26.07 -10.10
N GLU A 92 1.09 -27.14 -9.35
CA GLU A 92 0.61 -28.45 -9.72
C GLU A 92 -0.55 -28.84 -8.78
N LEU A 93 -1.67 -29.24 -9.36
CA LEU A 93 -2.84 -29.62 -8.57
C LEU A 93 -2.87 -31.11 -8.32
N GLY B 1 -27.38 12.52 0.04
CA GLY B 1 -27.41 13.56 -1.03
C GLY B 1 -26.50 13.23 -2.18
N THR B 2 -26.21 14.23 -3.01
CA THR B 2 -25.35 14.05 -4.18
C THR B 2 -24.45 15.26 -4.42
N ILE B 3 -23.25 14.99 -4.91
CA ILE B 3 -22.28 16.04 -5.23
C ILE B 3 -21.80 15.79 -6.66
N THR B 4 -21.27 16.82 -7.30
CA THR B 4 -20.75 16.67 -8.66
C THR B 4 -19.24 16.76 -8.67
N ALA B 5 -18.60 15.73 -9.23
CA ALA B 5 -17.15 15.69 -9.34
C ALA B 5 -16.85 16.01 -10.81
N VAL B 6 -15.86 16.86 -11.07
CA VAL B 6 -15.52 17.22 -12.44
C VAL B 6 -14.07 16.86 -12.73
N LYS B 7 -13.86 15.82 -13.53
CA LYS B 7 -12.52 15.41 -13.89
C LYS B 7 -12.37 15.44 -15.40
N GLY B 8 -11.32 16.09 -15.88
CA GLY B 8 -11.10 16.18 -17.31
C GLY B 8 -12.30 16.75 -18.05
N GLY B 9 -12.80 17.90 -17.59
CA GLY B 9 -13.92 18.54 -18.25
C GLY B 9 -15.20 17.71 -18.29
N VAL B 10 -15.16 16.54 -17.67
CA VAL B 10 -16.31 15.64 -17.62
C VAL B 10 -16.99 15.71 -16.24
N LYS B 11 -18.27 16.08 -16.22
CA LYS B 11 -19.03 16.16 -14.97
C LYS B 11 -19.59 14.77 -14.63
N LYS B 12 -19.54 14.39 -13.36
CA LYS B 12 -20.04 13.09 -12.94
C LYS B 12 -20.72 13.21 -11.58
N GLN B 13 -22.04 13.00 -11.54
CA GLN B 13 -22.79 13.09 -10.31
C GLN B 13 -22.58 11.84 -9.47
N LEU B 14 -22.31 12.05 -8.19
CA LEU B 14 -22.09 10.95 -7.27
C LEU B 14 -22.99 11.11 -6.05
N LYS B 15 -23.49 9.99 -5.55
CA LYS B 15 -24.36 10.00 -4.39
C LYS B 15 -23.51 9.78 -3.14
N PHE B 16 -23.88 10.43 -2.03
CA PHE B 16 -23.13 10.25 -0.80
C PHE B 16 -24.07 9.96 0.35
N GLU B 17 -23.56 9.25 1.35
CA GLU B 17 -24.32 8.92 2.54
C GLU B 17 -23.77 9.82 3.66
N ASP B 18 -24.66 10.40 4.45
CA ASP B 18 -24.25 11.27 5.54
C ASP B 18 -23.06 10.68 6.31
N ASP B 19 -22.15 11.56 6.73
CA ASP B 19 -20.95 11.20 7.49
C ASP B 19 -19.85 10.52 6.66
N GLN B 20 -20.01 10.53 5.35
CA GLN B 20 -19.03 9.96 4.45
C GLN B 20 -18.11 11.10 4.05
N THR B 21 -16.82 10.81 3.85
CA THR B 21 -15.91 11.88 3.43
C THR B 21 -15.87 11.93 1.91
N LEU B 22 -15.59 13.11 1.37
CA LEU B 22 -15.50 13.27 -0.07
C LEU B 22 -14.46 12.29 -0.57
N PHE B 23 -13.42 12.08 0.23
CA PHE B 23 -12.35 11.15 -0.13
C PHE B 23 -12.91 9.76 -0.36
N THR B 24 -13.72 9.30 0.56
CA THR B 24 -14.31 7.98 0.45
C THR B 24 -15.17 7.92 -0.80
N VAL B 25 -16.04 8.91 -0.98
CA VAL B 25 -16.91 8.95 -2.14
C VAL B 25 -16.12 8.99 -3.46
N LEU B 26 -15.12 9.87 -3.52
CA LEU B 26 -14.31 10.02 -4.72
C LEU B 26 -13.45 8.81 -5.01
N THR B 27 -12.78 8.33 -3.99
CA THR B 27 -11.91 7.18 -4.10
C THR B 27 -12.67 5.89 -4.45
N GLU B 28 -13.82 5.70 -3.83
CA GLU B 28 -14.65 4.52 -4.04
C GLU B 28 -15.33 4.55 -5.42
N ALA B 29 -15.17 5.66 -6.15
CA ALA B 29 -15.77 5.80 -7.47
C ALA B 29 -14.72 5.83 -8.59
N GLY B 30 -13.45 5.65 -8.23
CA GLY B 30 -12.37 5.64 -9.20
C GLY B 30 -11.92 6.99 -9.69
N LEU B 31 -12.53 8.07 -9.18
CA LEU B 31 -12.15 9.41 -9.61
C LEU B 31 -10.90 9.89 -8.87
N MET B 32 -10.63 9.28 -7.72
CA MET B 32 -9.45 9.63 -6.93
C MET B 32 -8.82 8.37 -6.38
N SER B 33 -7.50 8.27 -6.44
CA SER B 33 -6.81 7.09 -5.93
C SER B 33 -6.39 7.25 -4.48
N ALA B 34 -6.47 6.15 -3.73
CA ALA B 34 -6.10 6.16 -2.32
C ALA B 34 -4.72 5.55 -2.12
N ASP B 35 -4.02 5.27 -3.22
CA ASP B 35 -2.69 4.69 -3.15
C ASP B 35 -1.64 5.68 -2.71
N ASP B 36 -0.75 5.22 -1.83
CA ASP B 36 0.32 6.04 -1.31
C ASP B 36 -0.21 7.27 -0.54
N THR B 37 -1.46 7.18 -0.12
CA THR B 37 -2.10 8.24 0.65
C THR B 37 -2.31 7.71 2.06
N CYS B 38 -2.51 8.60 3.02
CA CYS B 38 -2.73 8.16 4.38
C CYS B 38 -4.13 7.60 4.55
N GLN B 39 -4.81 7.33 3.44
CA GLN B 39 -6.15 6.78 3.45
C GLN B 39 -7.17 7.65 4.16
N GLY B 40 -7.15 8.94 3.87
CA GLY B 40 -8.11 9.84 4.49
C GLY B 40 -7.84 10.14 5.94
N ASN B 41 -6.57 10.27 6.29
CA ASN B 41 -6.18 10.55 7.66
C ASN B 41 -5.69 11.99 7.86
N LYS B 42 -5.86 12.82 6.83
CA LYS B 42 -5.45 14.22 6.90
C LYS B 42 -3.98 14.34 7.34
N ALA B 43 -3.12 13.51 6.76
CA ALA B 43 -1.71 13.52 7.11
C ALA B 43 -0.79 13.58 5.91
N CYS B 44 -1.23 13.07 4.78
CA CYS B 44 -0.38 13.08 3.59
C CYS B 44 -0.61 14.28 2.67
N GLY B 45 -1.84 14.80 2.66
CA GLY B 45 -2.17 15.93 1.82
C GLY B 45 -2.20 15.65 0.33
N LYS B 46 -2.52 14.43 -0.06
CA LYS B 46 -2.55 14.07 -1.48
C LYS B 46 -3.94 14.05 -2.10
N CYS B 47 -4.96 14.01 -1.26
CA CYS B 47 -6.35 13.96 -1.72
C CYS B 47 -6.86 15.36 -2.12
N ILE B 48 -5.98 16.17 -2.70
CA ILE B 48 -6.35 17.52 -3.11
C ILE B 48 -7.44 17.56 -4.18
N CYS B 49 -8.38 18.48 -4.02
CA CYS B 49 -9.46 18.66 -4.97
C CYS B 49 -9.83 20.15 -4.89
N LYS B 50 -10.72 20.61 -5.77
CA LYS B 50 -11.12 22.01 -5.75
C LYS B 50 -12.61 22.20 -5.52
N HIS B 51 -12.96 22.99 -4.51
CA HIS B 51 -14.34 23.27 -4.18
C HIS B 51 -14.79 24.43 -5.06
N VAL B 52 -15.61 24.14 -6.06
CA VAL B 52 -16.06 25.16 -7.00
C VAL B 52 -17.46 25.69 -6.76
N SER B 53 -18.31 24.89 -6.14
CA SER B 53 -19.67 25.33 -5.89
C SER B 53 -20.30 24.66 -4.67
N GLY B 54 -21.30 25.31 -4.11
CA GLY B 54 -21.99 24.72 -2.97
C GLY B 54 -21.43 25.04 -1.60
N LYS B 55 -22.19 24.65 -0.58
CA LYS B 55 -21.84 24.86 0.81
C LYS B 55 -20.91 23.79 1.33
N VAL B 56 -19.75 24.20 1.83
CA VAL B 56 -18.80 23.28 2.44
C VAL B 56 -18.10 24.01 3.59
N ALA B 57 -18.13 23.38 4.76
CA ALA B 57 -17.55 23.93 5.97
C ALA B 57 -16.11 24.40 5.80
N ALA B 58 -15.81 25.60 6.29
CA ALA B 58 -14.46 26.18 6.23
C ALA B 58 -13.42 25.18 6.71
N ALA B 59 -12.25 25.20 6.09
CA ALA B 59 -11.19 24.28 6.46
C ALA B 59 -10.65 24.63 7.83
N GLU B 60 -10.31 23.61 8.61
CA GLU B 60 -9.76 23.83 9.93
C GLU B 60 -8.24 24.02 9.78
N ASP B 61 -7.62 24.53 10.84
CA ASP B 61 -6.18 24.82 10.85
C ASP B 61 -5.27 23.72 10.37
N ASP B 62 -5.50 22.48 10.80
CA ASP B 62 -4.62 21.43 10.37
C ASP B 62 -4.72 21.17 8.86
N GLU B 63 -5.91 21.34 8.28
CA GLU B 63 -6.08 21.15 6.84
C GLU B 63 -5.38 22.29 6.10
N LYS B 64 -5.63 23.50 6.59
CA LYS B 64 -5.05 24.72 6.02
C LYS B 64 -3.54 24.63 5.89
N GLU B 65 -2.90 23.85 6.75
CA GLU B 65 -1.45 23.73 6.68
C GLU B 65 -1.04 23.08 5.38
N PHE B 66 -1.89 22.19 4.88
CA PHE B 66 -1.63 21.46 3.64
C PHE B 66 -2.05 22.24 2.40
N LEU B 67 -2.77 23.34 2.59
CA LEU B 67 -3.25 24.11 1.45
C LEU B 67 -2.56 25.43 1.22
N GLU B 68 -1.51 25.70 2.00
CA GLU B 68 -0.79 26.96 1.87
C GLU B 68 -0.14 27.18 0.49
N ASP B 69 0.44 26.14 -0.08
CA ASP B 69 1.07 26.25 -1.39
C ASP B 69 0.16 25.72 -2.49
N GLN B 70 -1.14 25.67 -2.20
CA GLN B 70 -2.13 25.16 -3.14
C GLN B 70 -3.05 26.27 -3.60
N PRO B 71 -3.79 26.05 -4.71
CA PRO B 71 -4.72 27.08 -5.20
C PRO B 71 -5.75 27.50 -4.13
N ALA B 72 -6.17 28.74 -4.20
CA ALA B 72 -7.11 29.32 -3.25
C ALA B 72 -8.33 28.50 -2.91
N ASN B 73 -8.81 27.71 -3.86
CA ASN B 73 -10.00 26.91 -3.59
C ASN B 73 -9.70 25.42 -3.42
N ALA B 74 -8.46 25.11 -3.08
CA ALA B 74 -8.07 23.71 -2.88
C ALA B 74 -8.53 23.24 -1.49
N ARG B 75 -8.86 21.96 -1.37
CA ARG B 75 -9.28 21.37 -0.08
C ARG B 75 -8.86 19.92 -0.10
N LEU B 76 -8.75 19.33 1.09
CA LEU B 76 -8.40 17.92 1.19
C LEU B 76 -9.74 17.18 1.20
N ALA B 77 -9.92 16.26 0.27
CA ALA B 77 -11.18 15.52 0.19
C ALA B 77 -11.51 14.78 1.48
N CYS B 78 -10.49 14.24 2.13
CA CYS B 78 -10.69 13.49 3.38
C CYS B 78 -10.98 14.36 4.58
N ALA B 79 -10.83 15.68 4.42
CA ALA B 79 -11.10 16.62 5.51
C ALA B 79 -12.55 17.11 5.41
N ILE B 80 -13.26 16.70 4.37
CA ILE B 80 -14.64 17.11 4.18
C ILE B 80 -15.57 15.96 4.46
N THR B 81 -16.36 16.09 5.51
CA THR B 81 -17.33 15.06 5.87
C THR B 81 -18.68 15.49 5.34
N LEU B 82 -19.18 14.72 4.36
CA LEU B 82 -20.45 15.05 3.71
C LEU B 82 -21.72 14.84 4.51
N SER B 83 -22.61 15.81 4.37
CA SER B 83 -23.89 15.81 5.05
C SER B 83 -24.91 16.46 4.12
N GLY B 84 -26.18 16.46 4.53
CA GLY B 84 -27.22 17.05 3.72
C GLY B 84 -26.89 18.46 3.28
N GLU B 85 -26.18 19.22 4.11
CA GLU B 85 -25.84 20.59 3.78
C GLU B 85 -24.93 20.70 2.54
N ASN B 86 -24.24 19.62 2.22
CA ASN B 86 -23.34 19.60 1.08
C ASN B 86 -24.00 19.11 -0.21
N ASP B 87 -25.29 18.82 -0.15
CA ASP B 87 -25.99 18.32 -1.33
C ASP B 87 -25.97 19.36 -2.45
N GLY B 88 -25.40 18.97 -3.59
CA GLY B 88 -25.31 19.87 -4.72
C GLY B 88 -23.96 20.55 -4.88
N ALA B 89 -23.05 20.30 -3.95
CA ALA B 89 -21.74 20.90 -4.02
C ALA B 89 -21.01 20.34 -5.22
N VAL B 90 -20.13 21.14 -5.82
CA VAL B 90 -19.36 20.69 -6.98
C VAL B 90 -17.87 20.80 -6.71
N PHE B 91 -17.14 19.74 -7.02
CA PHE B 91 -15.70 19.71 -6.84
C PHE B 91 -14.98 19.35 -8.13
N GLU B 92 -13.83 19.96 -8.35
CA GLU B 92 -13.00 19.74 -9.53
C GLU B 92 -11.79 18.92 -9.14
N LEU B 93 -11.51 17.86 -9.88
CA LEU B 93 -10.36 17.02 -9.58
C LEU B 93 -9.19 17.32 -10.51
N GLY C 1 15.06 -8.84 10.23
CA GLY C 1 16.52 -8.54 10.15
C GLY C 1 16.95 -7.38 11.04
N THR C 2 18.15 -6.85 10.77
CA THR C 2 18.71 -5.73 11.53
C THR C 2 19.49 -4.76 10.66
N ILE C 3 19.40 -3.48 10.99
CA ILE C 3 20.11 -2.43 10.28
C ILE C 3 20.83 -1.61 11.34
N THR C 4 21.86 -0.87 10.92
CA THR C 4 22.60 -0.04 11.85
C THR C 4 22.35 1.43 11.56
N ALA C 5 21.94 2.16 12.60
CA ALA C 5 21.71 3.58 12.47
C ALA C 5 22.91 4.23 13.15
N VAL C 6 23.39 5.32 12.58
CA VAL C 6 24.53 5.99 13.16
C VAL C 6 24.21 7.44 13.39
N LYS C 7 24.06 7.81 14.66
CA LYS C 7 23.75 9.17 15.06
C LYS C 7 24.86 9.70 15.95
N GLY C 8 25.37 10.89 15.63
CA GLY C 8 26.44 11.47 16.42
C GLY C 8 27.63 10.55 16.62
N GLY C 9 28.12 9.96 15.54
CA GLY C 9 29.27 9.07 15.62
C GLY C 9 29.03 7.79 16.40
N VAL C 10 27.84 7.62 16.95
CA VAL C 10 27.57 6.39 17.70
C VAL C 10 26.70 5.44 16.88
N LYS C 11 27.18 4.20 16.76
CA LYS C 11 26.46 3.18 16.02
C LYS C 11 25.43 2.52 16.93
N LYS C 12 24.26 2.23 16.39
CA LYS C 12 23.20 1.61 17.15
C LYS C 12 22.45 0.60 16.29
N GLN C 13 22.57 -0.67 16.66
CA GLN C 13 21.91 -1.76 15.94
C GLN C 13 20.42 -1.78 16.25
N LEU C 14 19.59 -1.82 15.21
CA LEU C 14 18.13 -1.87 15.39
C LEU C 14 17.59 -3.08 14.63
N LYS C 15 16.60 -3.73 15.23
CA LYS C 15 15.99 -4.90 14.60
C LYS C 15 14.76 -4.41 13.82
N PHE C 16 14.48 -5.01 12.67
CA PHE C 16 13.32 -4.63 11.87
C PHE C 16 12.47 -5.83 11.52
N GLU C 17 11.19 -5.58 11.31
CA GLU C 17 10.25 -6.62 10.93
C GLU C 17 9.90 -6.35 9.47
N ASP C 18 9.94 -7.39 8.63
CA ASP C 18 9.63 -7.20 7.22
C ASP C 18 8.44 -6.29 7.00
N ASP C 19 8.51 -5.50 5.94
CA ASP C 19 7.44 -4.57 5.57
C ASP C 19 7.38 -3.32 6.45
N GLN C 20 8.37 -3.16 7.33
CA GLN C 20 8.44 -1.98 8.21
C GLN C 20 9.25 -0.94 7.45
N THR C 21 8.91 0.33 7.61
CA THR C 21 9.70 1.34 6.93
C THR C 21 10.81 1.77 7.87
N LEU C 22 11.91 2.23 7.31
CA LEU C 22 13.04 2.67 8.11
C LEU C 22 12.57 3.80 9.02
N PHE C 23 11.62 4.58 8.54
CA PHE C 23 11.07 5.69 9.31
C PHE C 23 10.41 5.16 10.59
N THR C 24 9.60 4.12 10.43
CA THR C 24 8.93 3.50 11.55
C THR C 24 9.97 3.02 12.56
N VAL C 25 10.93 2.23 12.09
CA VAL C 25 11.96 1.71 12.98
C VAL C 25 12.81 2.80 13.62
N LEU C 26 13.18 3.82 12.84
CA LEU C 26 14.00 4.91 13.36
C LEU C 26 13.24 5.76 14.36
N THR C 27 12.02 6.14 14.00
CA THR C 27 11.17 6.96 14.85
C THR C 27 10.75 6.26 16.14
N GLU C 28 10.43 4.97 16.02
CA GLU C 28 10.01 4.16 17.16
C GLU C 28 11.16 3.88 18.12
N ALA C 29 12.36 4.29 17.74
CA ALA C 29 13.54 4.05 18.57
C ALA C 29 14.12 5.35 19.12
N GLY C 30 13.46 6.45 18.83
CA GLY C 30 13.92 7.74 19.30
C GLY C 30 15.08 8.36 18.53
N LEU C 31 15.57 7.67 17.48
CA LEU C 31 16.68 8.19 16.69
C LEU C 31 16.20 9.25 15.69
N MET C 32 14.91 9.20 15.37
CA MET C 32 14.30 10.14 14.43
C MET C 32 12.93 10.55 14.93
N SER C 33 12.65 11.85 14.87
CA SER C 33 11.37 12.39 15.32
C SER C 33 10.31 12.38 14.23
N ALA C 34 9.07 12.08 14.61
CA ALA C 34 7.96 12.05 13.66
C ALA C 34 7.10 13.31 13.79
N ASP C 35 7.54 14.27 14.60
CA ASP C 35 6.76 15.48 14.77
C ASP C 35 6.94 16.47 13.61
N ASP C 36 5.83 17.08 13.22
CA ASP C 36 5.80 18.04 12.11
C ASP C 36 6.12 17.36 10.79
N THR C 37 6.03 16.03 10.77
CA THR C 37 6.31 15.27 9.57
C THR C 37 4.99 14.66 9.09
N CYS C 38 4.93 14.27 7.81
CA CYS C 38 3.69 13.69 7.29
C CYS C 38 3.52 12.26 7.80
N GLN C 39 4.30 11.91 8.81
CA GLN C 39 4.26 10.60 9.44
C GLN C 39 4.50 9.44 8.46
N GLY C 40 5.57 9.56 7.68
CA GLY C 40 5.92 8.52 6.73
C GLY C 40 5.02 8.43 5.52
N ASN C 41 4.58 9.57 5.01
CA ASN C 41 3.70 9.57 3.85
C ASN C 41 4.38 10.07 2.58
N LYS C 42 5.71 10.20 2.61
CA LYS C 42 6.45 10.66 1.43
C LYS C 42 5.90 11.97 0.90
N ALA C 43 5.59 12.91 1.79
CA ALA C 43 5.05 14.18 1.35
C ALA C 43 5.73 15.41 1.97
N CYS C 44 6.32 15.26 3.15
CA CYS C 44 6.99 16.38 3.79
C CYS C 44 8.49 16.43 3.52
N GLY C 45 9.11 15.27 3.31
CA GLY C 45 10.53 15.20 3.03
C GLY C 45 11.42 15.56 4.21
N LYS C 46 10.95 15.26 5.42
CA LYS C 46 11.71 15.58 6.60
C LYS C 46 12.46 14.40 7.21
N CYS C 47 12.07 13.18 6.82
CA CYS C 47 12.72 11.99 7.35
C CYS C 47 14.02 11.63 6.63
N ILE C 48 14.79 12.65 6.27
CA ILE C 48 16.05 12.42 5.57
C ILE C 48 17.11 11.71 6.40
N CYS C 49 17.78 10.74 5.78
CA CYS C 49 18.83 9.99 6.42
C CYS C 49 19.82 9.66 5.31
N LYS C 50 20.93 9.02 5.64
CA LYS C 50 21.93 8.72 4.63
C LYS C 50 22.25 7.23 4.54
N HIS C 51 22.05 6.66 3.34
CA HIS C 51 22.32 5.24 3.09
C HIS C 51 23.82 5.09 2.83
N VAL C 52 24.54 4.55 3.80
CA VAL C 52 25.98 4.42 3.66
C VAL C 52 26.49 3.01 3.38
N SER C 53 25.68 2.00 3.64
CA SER C 53 26.11 0.64 3.38
C SER C 53 24.94 -0.31 3.18
N GLY C 54 25.19 -1.44 2.53
CA GLY C 54 24.14 -2.42 2.30
C GLY C 54 23.22 -2.18 1.11
N LYS C 55 22.44 -3.21 0.79
CA LYS C 55 21.49 -3.16 -0.32
C LYS C 55 20.18 -2.47 0.04
N VAL C 56 19.83 -1.47 -0.77
CA VAL C 56 18.59 -0.73 -0.59
C VAL C 56 18.09 -0.35 -1.98
N ALA C 57 16.85 -0.72 -2.28
CA ALA C 57 16.25 -0.43 -3.58
C ALA C 57 16.37 1.05 -3.97
N ALA C 58 16.69 1.29 -5.25
CA ALA C 58 16.83 2.65 -5.75
C ALA C 58 15.59 3.47 -5.48
N ALA C 59 15.78 4.77 -5.26
CA ALA C 59 14.67 5.67 -4.99
C ALA C 59 13.80 5.86 -6.22
N GLU C 60 12.50 5.95 -6.00
CA GLU C 60 11.55 6.16 -7.07
C GLU C 60 11.49 7.66 -7.34
N ASP C 61 10.94 8.03 -8.48
CA ASP C 61 10.87 9.43 -8.88
C ASP C 61 10.22 10.39 -7.90
N ASP C 62 9.16 9.94 -7.23
CA ASP C 62 8.50 10.79 -6.25
C ASP C 62 9.45 11.12 -5.09
N GLU C 63 10.25 10.14 -4.67
CA GLU C 63 11.21 10.35 -3.59
C GLU C 63 12.33 11.26 -4.06
N LYS C 64 12.85 10.97 -5.25
CA LYS C 64 13.92 11.71 -5.88
C LYS C 64 13.63 13.21 -5.94
N GLU C 65 12.35 13.54 -5.95
CA GLU C 65 11.94 14.94 -5.99
C GLU C 65 12.41 15.65 -4.74
N PHE C 66 12.36 14.94 -3.62
CA PHE C 66 12.76 15.49 -2.33
C PHE C 66 14.26 15.42 -2.05
N LEU C 67 15.01 14.71 -2.89
CA LEU C 67 16.45 14.54 -2.69
C LEU C 67 17.32 15.37 -3.63
N GLU C 68 16.68 16.21 -4.44
CA GLU C 68 17.37 17.03 -5.41
C GLU C 68 18.41 17.98 -4.82
N ASP C 69 18.08 18.64 -3.72
CA ASP C 69 19.02 19.56 -3.11
C ASP C 69 19.61 18.94 -1.84
N GLN C 70 19.63 17.62 -1.81
CA GLN C 70 20.15 16.86 -0.69
C GLN C 70 21.42 16.11 -1.09
N PRO C 71 22.21 15.66 -0.11
CA PRO C 71 23.45 14.93 -0.41
C PRO C 71 23.16 13.73 -1.31
N ALA C 72 24.14 13.37 -2.14
CA ALA C 72 24.03 12.26 -3.08
C ALA C 72 23.57 10.95 -2.47
N ASN C 73 23.82 10.73 -1.19
CA ASN C 73 23.41 9.48 -0.55
C ASN C 73 22.21 9.63 0.38
N ALA C 74 21.50 10.75 0.25
CA ALA C 74 20.34 10.99 1.08
C ALA C 74 19.14 10.20 0.58
N ARG C 75 18.30 9.74 1.51
CA ARG C 75 17.09 8.99 1.18
C ARG C 75 16.02 9.37 2.20
N LEU C 76 14.76 9.13 1.84
CA LEU C 76 13.66 9.40 2.76
C LEU C 76 13.44 8.10 3.50
N ALA C 77 13.60 8.13 4.82
CA ALA C 77 13.44 6.93 5.63
C ALA C 77 12.09 6.23 5.42
N CYS C 78 11.04 7.02 5.25
CA CYS C 78 9.71 6.49 5.06
C CYS C 78 9.47 5.88 3.67
N ALA C 79 10.38 6.15 2.74
CA ALA C 79 10.26 5.61 1.39
C ALA C 79 10.98 4.27 1.29
N ILE C 80 11.65 3.88 2.36
CA ILE C 80 12.40 2.62 2.41
C ILE C 80 11.59 1.58 3.20
N THR C 81 11.10 0.55 2.51
CA THR C 81 10.35 -0.52 3.17
C THR C 81 11.34 -1.65 3.40
N LEU C 82 11.62 -1.92 4.66
CA LEU C 82 12.59 -2.95 5.03
C LEU C 82 12.16 -4.39 4.84
N SER C 83 13.08 -5.19 4.31
CA SER C 83 12.85 -6.61 4.06
C SER C 83 14.17 -7.34 4.30
N GLY C 84 14.16 -8.67 4.22
CA GLY C 84 15.37 -9.42 4.44
C GLY C 84 16.55 -8.92 3.62
N GLU C 85 16.29 -8.45 2.42
CA GLU C 85 17.36 -7.96 1.56
C GLU C 85 18.11 -6.77 2.15
N ASN C 86 17.48 -6.07 3.09
CA ASN C 86 18.11 -4.91 3.72
C ASN C 86 18.87 -5.24 4.99
N ASP C 87 18.91 -6.52 5.34
CA ASP C 87 19.60 -6.96 6.54
C ASP C 87 21.09 -6.60 6.50
N GLY C 88 21.53 -5.76 7.43
CA GLY C 88 22.91 -5.35 7.47
C GLY C 88 23.15 -3.95 6.92
N ALA C 89 22.09 -3.34 6.40
CA ALA C 89 22.20 -1.99 5.83
C ALA C 89 22.58 -1.00 6.92
N VAL C 90 23.35 0.02 6.56
CA VAL C 90 23.77 1.04 7.51
C VAL C 90 23.30 2.41 7.05
N PHE C 91 22.65 3.14 7.96
CA PHE C 91 22.17 4.48 7.64
C PHE C 91 22.70 5.48 8.67
N GLU C 92 23.03 6.67 8.19
CA GLU C 92 23.55 7.72 9.05
C GLU C 92 22.50 8.83 9.21
N LEU C 93 22.26 9.23 10.46
CA LEU C 93 21.26 10.26 10.73
C LEU C 93 21.90 11.63 10.87
#